data_3BLQ
#
_entry.id   3BLQ
#
_cell.length_a   173.130
_cell.length_b   173.130
_cell.length_c   95.640
_cell.angle_alpha   90.000
_cell.angle_beta   90.000
_cell.angle_gamma   120.000
#
_symmetry.space_group_name_H-M   'H 3'
#
loop_
_entity.id
_entity.type
_entity.pdbx_description
1 polymer 'Cell division protein kinase 9'
2 polymer Cyclin-T1
3 non-polymer 'MAGNESIUM ION'
4 non-polymer "ADENOSINE-5'-TRIPHOSPHATE"
5 non-polymer 2-AMINO-2-HYDROXYMETHYL-PROPANE-1,3-DIOL
6 water water
#
loop_
_entity_poly.entity_id
_entity_poly.type
_entity_poly.pdbx_seq_one_letter_code
_entity_poly.pdbx_strand_id
1 'polypeptide(L)'
;GPAKQYDSVECPFCDEVSKYEKLAKIGQGTFGEVFKARHRKTGQKVALKKVLMENEKEGFPITALREIKILQLLKHENVV
NLIEICRTKASPYNRCKGSIYLVFDFCEHDLAGLLSNVLVKFTLSEIKRVMQMLLNGLYYIHRNKILHRDMKAANVLITR
DGVLKLADFGLARAFSLAKNSQPNRY(TPO)NRVVTLWYRPPELLLGERDYGPPIDLWGAGCIMAEMWTRSPIMQGNTEQ
HQLALISQLCGSITPEVWPNVDNYELYEKLELVKGQKRKVKDRLKAYVRDPYALDLIDKLLVLDPAQRIDSDDALNHDFF
WSDPMPSDLKGMLST
;
A
2 'polypeptide(L)'
;GPEGERKNNNKRWYFTREQLENSPSRRFGVDPDKELSYRQQAANLLQDMGQRLNVSQLTINTAIVYMHRFYMIQSFTRFP
GNSVAPAALFLAAKVEGQPKKLEHVIKVAHTCLHPQESLPDTRSEAYLQQVQDLVILESIILQTLGFELTIDHPHTHVVK
CTQLVRASKDLAQTSYFMATNSLHLTTFSLQYTPPVVACVCIHLACKWSNWEIPVSTDGKHWWEYVDATVTLELLDELTH
ELLQILEKTPNRLKRIWNWR
;
B
#
loop_
_chem_comp.id
_chem_comp.type
_chem_comp.name
_chem_comp.formula
ATP non-polymer ADENOSINE-5'-TRIPHOSPHATE 'C10 H16 N5 O13 P3'
MG non-polymer 'MAGNESIUM ION' 'Mg 2'
TRS non-polymer 2-AMINO-2-HYDROXYMETHYL-PROPANE-1,3-DIOL 'C4 H12 N O3 1'
#
# COMPACT_ATOMS: atom_id res chain seq x y z
N SER A 8 6.07 0.26 31.07
CA SER A 8 6.05 0.88 29.75
C SER A 8 6.99 0.18 28.78
N VAL A 9 6.62 0.18 27.50
CA VAL A 9 7.30 -0.64 26.50
C VAL A 9 8.06 0.24 25.51
N GLU A 10 9.29 -0.16 25.18
CA GLU A 10 10.14 0.58 24.24
C GLU A 10 9.49 0.91 22.89
N CYS A 11 9.76 2.09 22.36
CA CYS A 11 9.15 2.50 21.10
C CYS A 11 10.00 3.36 20.16
N PRO A 12 11.22 2.91 19.88
CA PRO A 12 12.18 3.66 19.06
C PRO A 12 11.59 4.40 17.85
N PHE A 13 10.60 3.82 17.17
CA PHE A 13 10.22 4.32 15.86
C PHE A 13 8.79 4.87 15.76
N CYS A 14 8.19 5.12 16.91
CA CYS A 14 6.89 5.78 16.91
C CYS A 14 6.87 6.85 17.98
N ASP A 15 7.01 8.11 17.56
CA ASP A 15 7.14 9.22 18.49
C ASP A 15 5.78 9.67 19.02
N GLU A 16 5.76 10.17 20.26
CA GLU A 16 4.52 10.69 20.85
C GLU A 16 4.15 12.01 20.20
N VAL A 17 2.87 12.21 19.94
CA VAL A 17 2.44 13.37 19.16
C VAL A 17 2.58 14.70 19.92
N SER A 18 2.91 14.63 21.22
CA SER A 18 3.24 15.81 22.02
C SER A 18 4.37 16.61 21.36
N LYS A 19 5.23 15.89 20.67
CA LYS A 19 6.14 16.42 19.66
C LYS A 19 5.58 17.68 18.99
N TYR A 20 4.32 17.60 18.58
CA TYR A 20 3.63 18.70 17.94
C TYR A 20 2.70 19.43 18.91
N GLU A 21 2.54 20.73 18.69
CA GLU A 21 1.63 21.57 19.46
C GLU A 21 0.41 21.86 18.58
N LYS A 22 -0.78 21.50 19.07
CA LYS A 22 -2.01 21.70 18.28
C LYS A 22 -2.44 23.17 18.21
N LEU A 23 -2.95 23.59 17.06
CA LEU A 23 -3.34 24.99 16.86
C LEU A 23 -4.81 25.23 16.48
N ALA A 24 -5.51 24.17 16.05
CA ALA A 24 -6.87 24.31 15.55
C ALA A 24 -7.41 23.01 14.97
N LYS A 25 -8.70 22.72 15.17
CA LYS A 25 -9.37 21.72 14.34
C LYS A 25 -9.51 22.35 12.96
N ILE A 26 -9.34 21.56 11.91
CA ILE A 26 -9.48 22.06 10.56
C ILE A 26 -10.31 21.13 9.67
N GLY A 27 -10.79 20.06 10.27
CA GLY A 27 -11.67 19.13 9.56
C GLY A 27 -12.11 17.96 10.41
N GLN A 28 -12.99 17.13 9.85
CA GLN A 28 -13.43 15.90 10.49
C GLN A 28 -13.04 14.71 9.61
N GLY A 29 -12.58 13.63 10.23
CA GLY A 29 -12.14 12.46 9.50
C GLY A 29 -13.09 11.28 9.62
N THR A 30 -12.67 10.13 9.09
CA THR A 30 -13.45 8.90 9.16
C THR A 30 -13.17 8.16 10.48
N PHE A 31 -12.09 8.55 11.15
CA PHE A 31 -11.70 7.91 12.40
C PHE A 31 -11.36 8.95 13.47
N GLY A 32 -11.44 10.23 13.12
CA GLY A 32 -11.11 11.27 14.09
C GLY A 32 -10.85 12.66 13.54
N GLU A 33 -10.71 13.61 14.46
CA GLU A 33 -10.53 15.00 14.11
C GLU A 33 -9.19 15.28 13.42
N VAL A 34 -9.17 16.30 12.57
CA VAL A 34 -7.96 16.77 11.90
C VAL A 34 -7.55 18.16 12.43
N PHE A 35 -6.29 18.30 12.84
CA PHE A 35 -5.75 19.55 13.38
C PHE A 35 -4.64 20.17 12.53
N LYS A 36 -4.51 21.50 12.60
CA LYS A 36 -3.26 22.15 12.22
C LYS A 36 -2.37 22.12 13.45
N ALA A 37 -1.06 21.99 13.27
CA ALA A 37 -0.15 21.94 14.40
C ALA A 37 1.30 22.27 14.06
N ARG A 38 2.12 22.37 15.09
CA ARG A 38 3.39 23.07 14.98
C ARG A 38 4.48 22.29 15.72
N HIS A 39 5.57 21.97 15.03
CA HIS A 39 6.69 21.30 15.69
C HIS A 39 7.25 22.10 16.88
N ARG A 40 7.19 21.54 18.08
CA ARG A 40 7.59 22.28 19.28
C ARG A 40 8.99 22.90 19.25
N LYS A 41 9.80 22.54 18.26
CA LYS A 41 11.19 22.95 18.22
C LYS A 41 11.51 23.86 17.04
N THR A 42 10.86 23.63 15.90
CA THR A 42 11.22 24.27 14.64
C THR A 42 10.05 25.01 14.03
N GLY A 43 8.89 24.86 14.65
CA GLY A 43 7.70 25.60 14.27
C GLY A 43 7.11 25.12 12.96
N GLN A 44 7.68 24.05 12.40
CA GLN A 44 7.19 23.49 11.13
C GLN A 44 5.70 23.14 11.23
N LYS A 45 4.92 23.55 10.23
CA LYS A 45 3.48 23.34 10.28
C LYS A 45 3.07 22.02 9.64
N VAL A 46 2.20 21.27 10.32
CA VAL A 46 1.77 19.95 9.89
C VAL A 46 0.26 19.76 10.08
N ALA A 47 -0.31 18.79 9.37
CA ALA A 47 -1.69 18.41 9.62
C ALA A 47 -1.74 17.09 10.36
N LEU A 48 -2.33 17.08 11.55
CA LEU A 48 -2.53 15.86 12.31
C LEU A 48 -3.92 15.28 12.05
N LYS A 49 -3.96 14.10 11.46
CA LYS A 49 -5.20 13.48 11.07
C LYS A 49 -5.35 12.23 11.93
N LYS A 50 -6.22 12.31 12.95
CA LYS A 50 -6.31 11.29 13.97
C LYS A 50 -7.04 10.07 13.46
N VAL A 51 -6.72 8.92 14.06
CA VAL A 51 -7.36 7.64 13.78
C VAL A 51 -7.81 7.05 15.12
N LEU A 52 -9.11 6.75 15.24
CA LEU A 52 -9.66 6.31 16.52
C LEU A 52 -10.25 4.89 16.45
N MET A 53 -9.96 4.11 17.49
CA MET A 53 -10.38 2.71 17.54
C MET A 53 -11.39 2.42 18.67
N GLU A 54 -12.67 2.74 18.42
CA GLU A 54 -13.76 2.41 19.35
C GLU A 54 -14.94 1.78 18.59
N ASN A 55 -15.42 2.49 17.58
CA ASN A 55 -16.47 1.99 16.69
C ASN A 55 -15.95 0.90 15.76
N GLU A 56 -14.64 0.68 15.82
CA GLU A 56 -13.96 -0.31 14.99
C GLU A 56 -13.82 -1.62 15.76
N LYS A 57 -14.32 -2.71 15.16
CA LYS A 57 -14.48 -3.97 15.86
C LYS A 57 -13.42 -5.00 15.48
N GLU A 58 -12.67 -4.72 14.43
CA GLU A 58 -11.66 -5.64 13.96
C GLU A 58 -10.24 -5.16 14.26
N GLY A 59 -10.07 -4.54 15.43
CA GLY A 59 -8.79 -3.92 15.76
C GLY A 59 -8.46 -2.77 14.82
N PHE A 60 -7.18 -2.48 14.63
CA PHE A 60 -6.73 -1.38 13.76
C PHE A 60 -7.36 -1.43 12.37
N PRO A 61 -8.02 -0.34 11.96
CA PRO A 61 -8.82 -0.34 10.73
C PRO A 61 -8.03 -0.75 9.49
N ILE A 62 -8.47 -1.83 8.84
CA ILE A 62 -7.85 -2.29 7.60
C ILE A 62 -7.83 -1.16 6.58
N THR A 63 -8.81 -0.30 6.67
CA THR A 63 -8.95 0.73 5.68
C THR A 63 -7.88 1.81 5.90
N ALA A 64 -7.55 2.05 7.17
CA ALA A 64 -6.47 2.98 7.52
C ALA A 64 -5.10 2.41 7.15
N LEU A 65 -4.90 1.12 7.37
CA LEU A 65 -3.64 0.46 6.99
C LEU A 65 -3.38 0.63 5.52
N ARG A 66 -4.40 0.44 4.70
CA ARG A 66 -4.26 0.63 3.25
C ARG A 66 -3.76 2.03 2.92
N GLU A 67 -4.40 3.06 3.51
CA GLU A 67 -4.00 4.44 3.26
C GLU A 67 -2.53 4.65 3.63
N ILE A 68 -2.18 4.29 4.85
CA ILE A 68 -0.80 4.32 5.30
C ILE A 68 0.18 3.60 4.34
N LYS A 69 -0.17 2.39 3.92
CA LYS A 69 0.65 1.65 2.94
C LYS A 69 0.83 2.47 1.65
N ILE A 70 -0.27 2.90 1.05
CA ILE A 70 -0.23 3.75 -0.15
C ILE A 70 0.58 5.09 -0.01
N LEU A 71 0.30 5.88 1.01
CA LEU A 71 1.06 7.08 1.32
C LEU A 71 2.56 6.87 1.52
N GLN A 72 2.95 5.74 2.10
CA GLN A 72 4.36 5.46 2.32
C GLN A 72 5.09 5.19 1.02
N LEU A 73 4.34 4.75 0.02
CA LEU A 73 4.91 4.36 -1.25
C LEU A 73 5.01 5.55 -2.19
N LEU A 74 3.94 6.34 -2.28
CA LEU A 74 3.92 7.52 -3.16
C LEU A 74 4.73 8.72 -2.63
N LYS A 75 5.95 8.91 -3.13
CA LYS A 75 6.77 10.08 -2.79
C LYS A 75 7.05 10.94 -4.01
N HIS A 76 6.31 12.04 -4.13
CA HIS A 76 6.38 12.88 -5.30
C HIS A 76 6.01 14.36 -5.00
N GLU A 77 6.59 15.29 -5.76
CA GLU A 77 6.35 16.72 -5.58
C GLU A 77 4.86 17.07 -5.52
N ASN A 78 4.05 16.34 -6.29
CA ASN A 78 2.63 16.65 -6.42
C ASN A 78 1.69 15.68 -5.70
N VAL A 79 2.19 15.02 -4.67
CA VAL A 79 1.36 14.21 -3.82
C VAL A 79 1.65 14.50 -2.37
N VAL A 80 0.59 14.73 -1.59
CA VAL A 80 0.68 14.92 -0.15
C VAL A 80 1.76 14.04 0.47
N ASN A 81 2.49 14.59 1.42
CA ASN A 81 3.55 13.84 2.07
C ASN A 81 3.21 13.46 3.49
N LEU A 82 3.14 12.16 3.72
CA LEU A 82 2.98 11.63 5.05
C LEU A 82 4.36 11.64 5.69
N ILE A 83 4.53 12.45 6.73
CA ILE A 83 5.80 12.60 7.41
C ILE A 83 6.07 11.43 8.35
N GLU A 84 5.06 11.02 9.09
CA GLU A 84 5.23 9.95 10.08
C GLU A 84 3.93 9.58 10.75
N ILE A 85 3.96 8.50 11.53
CA ILE A 85 2.85 8.19 12.42
C ILE A 85 3.22 8.38 13.89
N CYS A 86 2.30 8.97 14.65
CA CYS A 86 2.53 9.28 16.06
C CYS A 86 1.47 8.66 16.96
N ARG A 87 1.84 8.52 18.23
CA ARG A 87 1.01 7.82 19.21
C ARG A 87 0.71 8.69 20.43
N THR A 88 0.26 8.02 21.51
CA THR A 88 0.08 8.53 22.88
C THR A 88 -0.62 7.38 23.54
N SER A 99 -4.50 5.83 20.86
CA SER A 99 -4.84 6.52 19.61
C SER A 99 -3.63 6.60 18.69
N ILE A 100 -3.86 7.02 17.46
CA ILE A 100 -2.80 7.13 16.46
C ILE A 100 -3.05 8.32 15.52
N TYR A 101 -1.99 9.05 15.18
CA TYR A 101 -2.17 10.21 14.31
C TYR A 101 -1.33 10.06 13.05
N LEU A 102 -1.95 10.30 11.89
CA LEU A 102 -1.18 10.46 10.66
C LEU A 102 -0.69 11.91 10.62
N VAL A 103 0.62 12.09 10.54
CA VAL A 103 1.22 13.44 10.44
C VAL A 103 1.60 13.82 8.99
N PHE A 104 0.94 14.85 8.45
CA PHE A 104 1.20 15.33 7.08
C PHE A 104 1.90 16.68 7.03
N ASP A 105 2.55 17.00 5.90
CA ASP A 105 3.00 18.37 5.60
C ASP A 105 1.77 19.26 5.49
N PHE A 106 1.78 20.43 6.11
CA PHE A 106 0.58 21.30 6.09
C PHE A 106 0.38 22.04 4.76
N CYS A 107 -0.88 22.10 4.31
CA CYS A 107 -1.25 22.72 3.03
C CYS A 107 -2.36 23.75 3.18
N GLU A 108 -1.99 25.03 3.04
CA GLU A 108 -2.86 26.17 3.32
C GLU A 108 -4.23 26.18 2.60
N HIS A 109 -4.23 26.05 1.27
CA HIS A 109 -5.47 26.18 0.50
C HIS A 109 -6.01 24.86 -0.06
N ASP A 110 -7.08 24.95 -0.83
CA ASP A 110 -7.59 23.80 -1.58
C ASP A 110 -8.45 24.25 -2.77
N LEU A 111 -8.29 23.56 -3.90
CA LEU A 111 -8.92 23.94 -5.17
C LEU A 111 -10.39 24.31 -4.99
N ALA A 112 -11.13 23.49 -4.25
CA ALA A 112 -12.55 23.74 -4.02
C ALA A 112 -12.79 25.12 -3.39
N GLY A 113 -12.13 25.37 -2.26
CA GLY A 113 -12.28 26.64 -1.56
C GLY A 113 -11.88 27.83 -2.40
N LEU A 114 -10.80 27.71 -3.15
CA LEU A 114 -10.33 28.78 -4.00
C LEU A 114 -11.33 29.04 -5.13
N LEU A 115 -11.85 27.97 -5.70
CA LEU A 115 -12.86 28.09 -6.75
C LEU A 115 -14.13 28.79 -6.22
N SER A 116 -14.47 28.56 -4.95
CA SER A 116 -15.65 29.16 -4.32
C SER A 116 -15.45 30.64 -4.05
N ASN A 117 -14.19 31.04 -3.92
CA ASN A 117 -13.89 32.42 -3.58
C ASN A 117 -13.85 33.34 -4.80
N VAL A 118 -14.91 34.12 -4.96
CA VAL A 118 -14.99 35.12 -6.04
C VAL A 118 -13.87 36.14 -5.97
N LEU A 119 -13.23 36.24 -4.80
CA LEU A 119 -12.11 37.16 -4.60
C LEU A 119 -10.85 36.69 -5.33
N VAL A 120 -10.62 35.38 -5.32
CA VAL A 120 -9.41 34.80 -5.91
C VAL A 120 -9.57 34.60 -7.41
N LYS A 121 -8.59 35.01 -8.19
CA LYS A 121 -8.70 34.91 -9.64
C LYS A 121 -7.46 34.36 -10.34
N PHE A 122 -7.71 33.36 -11.19
CA PHE A 122 -6.65 32.70 -11.95
C PHE A 122 -6.52 33.31 -13.34
N THR A 123 -5.29 33.54 -13.79
CA THR A 123 -5.05 33.87 -15.20
C THR A 123 -5.06 32.57 -16.01
N LEU A 124 -4.97 32.66 -17.34
CA LEU A 124 -4.85 31.43 -18.12
C LEU A 124 -3.50 30.79 -17.88
N SER A 125 -2.48 31.63 -17.69
CA SER A 125 -1.12 31.18 -17.45
C SER A 125 -1.03 30.30 -16.19
N GLU A 126 -1.80 30.69 -15.18
CA GLU A 126 -1.82 29.97 -13.92
C GLU A 126 -2.64 28.67 -14.02
N ILE A 127 -3.90 28.78 -14.42
CA ILE A 127 -4.74 27.58 -14.58
C ILE A 127 -4.00 26.45 -15.28
N LYS A 128 -3.21 26.79 -16.30
CA LYS A 128 -2.37 25.81 -16.99
C LYS A 128 -1.42 25.10 -16.03
N ARG A 129 -0.75 25.87 -15.19
CA ARG A 129 0.19 25.32 -14.23
C ARG A 129 -0.50 24.35 -13.27
N VAL A 130 -1.68 24.73 -12.78
CA VAL A 130 -2.46 23.85 -11.93
C VAL A 130 -2.70 22.53 -12.66
N MET A 131 -3.34 22.59 -13.83
CA MET A 131 -3.61 21.37 -14.59
C MET A 131 -2.35 20.52 -14.82
N GLN A 132 -1.21 21.18 -14.90
CA GLN A 132 0.04 20.49 -15.14
C GLN A 132 0.48 19.70 -13.92
N MET A 133 0.52 20.36 -12.76
CA MET A 133 0.88 19.69 -11.54
C MET A 133 -0.12 18.59 -11.26
N LEU A 134 -1.39 18.85 -11.54
CA LEU A 134 -2.41 17.83 -11.36
C LEU A 134 -2.05 16.62 -12.20
N LEU A 135 -1.96 16.82 -13.51
CA LEU A 135 -1.75 15.70 -14.43
C LEU A 135 -0.45 14.97 -14.15
N ASN A 136 0.52 15.68 -13.59
CA ASN A 136 1.81 15.09 -13.25
C ASN A 136 1.73 14.21 -12.00
N GLY A 137 0.83 14.56 -11.09
CA GLY A 137 0.62 13.76 -9.90
C GLY A 137 -0.08 12.48 -10.29
N LEU A 138 -1.04 12.59 -11.20
CA LEU A 138 -1.69 11.40 -11.72
C LEU A 138 -0.71 10.50 -12.48
N TYR A 139 0.14 11.10 -13.32
CA TYR A 139 1.09 10.31 -14.08
C TYR A 139 1.89 9.46 -13.12
N TYR A 140 2.19 10.05 -11.98
CA TYR A 140 3.06 9.43 -11.00
C TYR A 140 2.36 8.28 -10.30
N ILE A 141 1.18 8.55 -9.74
CA ILE A 141 0.52 7.53 -8.95
C ILE A 141 0.05 6.35 -9.81
N HIS A 142 -0.33 6.60 -11.05
CA HIS A 142 -0.73 5.49 -11.91
C HIS A 142 0.51 4.65 -12.28
N ARG A 143 1.59 5.34 -12.59
CA ARG A 143 2.85 4.68 -12.87
C ARG A 143 3.26 3.78 -11.70
N ASN A 144 2.81 4.11 -10.49
CA ASN A 144 3.03 3.25 -9.32
C ASN A 144 1.86 2.35 -8.96
N LYS A 145 0.99 2.07 -9.94
CA LYS A 145 -0.09 1.08 -9.78
C LYS A 145 -1.09 1.45 -8.70
N ILE A 146 -1.41 2.73 -8.58
CA ILE A 146 -2.41 3.15 -7.62
C ILE A 146 -3.51 3.96 -8.30
N LEU A 147 -4.77 3.65 -7.98
CA LEU A 147 -5.85 4.51 -8.41
C LEU A 147 -6.22 5.40 -7.25
N HIS A 148 -6.43 6.68 -7.52
CA HIS A 148 -6.85 7.62 -6.50
C HIS A 148 -8.31 7.36 -6.08
N ARG A 149 -9.22 7.41 -7.05
CA ARG A 149 -10.63 7.08 -6.83
C ARG A 149 -11.44 8.11 -6.06
N ASP A 150 -10.86 9.27 -5.77
CA ASP A 150 -11.63 10.30 -5.12
C ASP A 150 -11.30 11.67 -5.69
N MET A 151 -11.06 11.68 -7.00
CA MET A 151 -10.80 12.92 -7.71
C MET A 151 -11.96 13.91 -7.56
N LYS A 152 -11.65 15.08 -7.01
CA LYS A 152 -12.60 16.17 -6.88
C LYS A 152 -11.83 17.37 -6.35
N ALA A 153 -12.31 18.56 -6.67
CA ALA A 153 -11.59 19.80 -6.35
C ALA A 153 -11.21 19.87 -4.88
N ALA A 154 -12.03 19.30 -4.02
CA ALA A 154 -11.82 19.37 -2.57
C ALA A 154 -10.60 18.56 -2.13
N ASN A 155 -10.11 17.71 -3.02
CA ASN A 155 -8.98 16.86 -2.72
C ASN A 155 -7.68 17.25 -3.41
N VAL A 156 -7.70 18.42 -4.06
CA VAL A 156 -6.49 18.98 -4.62
C VAL A 156 -6.03 20.09 -3.67
N LEU A 157 -4.88 19.91 -3.02
CA LEU A 157 -4.39 20.93 -2.10
C LEU A 157 -3.31 21.77 -2.77
N ILE A 158 -3.18 23.02 -2.33
CA ILE A 158 -2.03 23.84 -2.72
C ILE A 158 -1.34 24.42 -1.49
N THR A 159 -0.01 24.41 -1.47
CA THR A 159 0.73 24.98 -0.35
C THR A 159 0.93 26.48 -0.55
N ARG A 160 1.42 27.15 0.50
CA ARG A 160 1.66 28.59 0.43
C ARG A 160 2.58 28.97 -0.72
N ASP A 161 3.53 28.11 -1.05
CA ASP A 161 4.52 28.38 -2.10
C ASP A 161 4.00 28.04 -3.50
N GLY A 162 2.70 27.77 -3.61
CA GLY A 162 2.07 27.53 -4.90
C GLY A 162 2.23 26.14 -5.50
N VAL A 163 2.47 25.15 -4.65
CA VAL A 163 2.67 23.77 -5.11
C VAL A 163 1.43 22.89 -4.86
N LEU A 164 0.86 22.36 -5.93
CA LEU A 164 -0.33 21.49 -5.87
C LEU A 164 0.00 20.08 -5.41
N LYS A 165 -0.76 19.59 -4.43
CA LYS A 165 -0.59 18.23 -3.93
C LYS A 165 -1.88 17.44 -4.11
N LEU A 166 -1.80 16.30 -4.78
CA LEU A 166 -2.91 15.33 -4.74
C LEU A 166 -3.03 14.80 -3.31
N ALA A 167 -4.25 14.77 -2.78
CA ALA A 167 -4.45 14.47 -1.36
C ALA A 167 -5.63 13.53 -1.08
N ASP A 168 -5.69 13.03 0.15
CA ASP A 168 -6.79 12.16 0.57
C ASP A 168 -6.86 10.86 -0.23
N PHE A 169 -6.05 9.88 0.17
CA PHE A 169 -6.00 8.58 -0.48
C PHE A 169 -6.78 7.51 0.31
N GLY A 170 -7.79 7.96 1.05
CA GLY A 170 -8.60 7.07 1.86
C GLY A 170 -9.48 6.11 1.09
N LEU A 171 -9.76 6.43 -0.17
CA LEU A 171 -10.45 5.52 -1.07
C LEU A 171 -9.50 4.83 -2.07
N ALA A 172 -8.23 5.24 -2.11
CA ALA A 172 -7.28 4.71 -3.08
C ALA A 172 -6.92 3.23 -2.87
N ARG A 173 -6.66 2.54 -3.98
CA ARG A 173 -6.23 1.15 -3.93
C ARG A 173 -5.22 0.86 -5.04
N ALA A 174 -4.51 -0.25 -4.92
CA ALA A 174 -3.58 -0.66 -5.98
C ALA A 174 -4.31 -1.39 -7.10
N PHE A 175 -3.62 -1.59 -8.21
CA PHE A 175 -4.21 -2.22 -9.36
C PHE A 175 -3.20 -3.00 -10.18
N SER A 176 -3.74 -3.69 -11.18
CA SER A 176 -3.00 -4.54 -12.11
C SER A 176 -4.03 -4.89 -13.18
N ASN A 184 -9.10 -6.52 -11.18
CA ASN A 184 -10.16 -6.76 -12.16
C ASN A 184 -11.54 -7.25 -11.72
N ARG A 185 -11.78 -7.27 -10.41
CA ARG A 185 -13.13 -7.27 -9.85
C ARG A 185 -13.26 -6.15 -8.84
N TYR A 186 -12.71 -4.98 -9.18
CA TYR A 186 -12.63 -3.87 -8.22
C TYR A 186 -14.01 -3.34 -7.84
N TPO A 187 -14.13 -2.74 -6.67
CA TPO A 187 -15.42 -2.18 -6.16
CB TPO A 187 -15.20 -1.85 -4.68
CG2 TPO A 187 -16.03 -0.66 -4.19
OG1 TPO A 187 -13.79 -1.62 -4.51
P TPO A 187 -13.02 -1.99 -3.16
O1P TPO A 187 -13.13 -0.76 -2.27
O2P TPO A 187 -13.78 -3.20 -2.64
O3P TPO A 187 -11.65 -2.31 -3.68
C TPO A 187 -15.98 -1.03 -6.97
O TPO A 187 -15.23 -0.28 -7.60
N ASN A 188 -17.30 -0.86 -6.95
CA ASN A 188 -17.99 0.02 -7.90
C ASN A 188 -18.33 1.40 -7.37
N ARG A 189 -19.01 1.47 -6.24
CA ARG A 189 -19.40 2.75 -5.66
C ARG A 189 -18.17 3.48 -5.10
N VAL A 190 -17.38 4.03 -6.02
CA VAL A 190 -16.18 4.80 -5.71
C VAL A 190 -16.23 6.11 -6.46
N VAL A 191 -15.54 7.12 -5.94
CA VAL A 191 -15.60 8.48 -6.47
C VAL A 191 -16.91 9.15 -6.10
N THR A 192 -16.83 10.36 -5.54
CA THR A 192 -18.02 11.16 -5.29
C THR A 192 -18.85 11.22 -6.58
N LEU A 193 -20.16 11.27 -6.42
CA LEU A 193 -21.09 11.20 -7.55
C LEU A 193 -20.78 12.16 -8.71
N TRP A 194 -20.56 13.43 -8.44
CA TRP A 194 -20.38 14.41 -9.52
C TRP A 194 -19.14 14.17 -10.41
N TYR A 195 -18.14 13.50 -9.86
CA TYR A 195 -16.87 13.34 -10.55
C TYR A 195 -16.70 11.95 -11.12
N ARG A 196 -17.65 11.07 -10.80
CA ARG A 196 -17.65 9.68 -11.24
C ARG A 196 -17.88 9.54 -12.74
N PRO A 197 -17.05 8.72 -13.42
CA PRO A 197 -17.06 8.54 -14.88
C PRO A 197 -18.17 7.60 -15.35
N PRO A 198 -18.53 7.67 -16.65
CA PRO A 198 -19.62 6.87 -17.24
C PRO A 198 -19.51 5.40 -16.88
N GLU A 199 -18.34 4.81 -17.11
CA GLU A 199 -18.16 3.37 -16.91
C GLU A 199 -18.50 2.83 -15.50
N LEU A 200 -18.27 3.63 -14.47
CA LEU A 200 -18.62 3.20 -13.12
C LEU A 200 -20.14 3.22 -12.91
N LEU A 201 -20.80 4.21 -13.51
CA LEU A 201 -22.25 4.32 -13.44
C LEU A 201 -22.91 3.24 -14.30
N LEU A 202 -22.19 2.80 -15.33
CA LEU A 202 -22.67 1.74 -16.21
C LEU A 202 -22.39 0.36 -15.63
N GLY A 203 -21.88 0.32 -14.39
CA GLY A 203 -21.61 -0.92 -13.67
C GLY A 203 -20.27 -1.60 -13.91
N GLU A 204 -19.26 -0.86 -14.35
CA GLU A 204 -17.95 -1.46 -14.65
C GLU A 204 -17.15 -1.80 -13.38
N ARG A 205 -16.38 -2.89 -13.43
CA ARG A 205 -15.60 -3.35 -12.29
C ARG A 205 -14.22 -3.86 -12.73
N ASP A 206 -13.87 -3.51 -13.97
CA ASP A 206 -12.56 -3.80 -14.54
C ASP A 206 -11.97 -2.48 -15.03
N TYR A 207 -12.06 -1.45 -14.19
CA TYR A 207 -11.60 -0.13 -14.56
C TYR A 207 -10.16 0.12 -14.13
N GLY A 208 -9.54 1.11 -14.74
CA GLY A 208 -8.18 1.47 -14.40
C GLY A 208 -8.01 2.97 -14.21
N PRO A 209 -6.80 3.46 -14.51
CA PRO A 209 -6.42 4.87 -14.37
C PRO A 209 -7.37 5.85 -15.06
N PRO A 210 -8.10 5.41 -16.10
CA PRO A 210 -8.91 6.45 -16.75
C PRO A 210 -9.99 7.08 -15.87
N ILE A 211 -10.49 6.38 -14.85
CA ILE A 211 -11.48 7.00 -13.98
C ILE A 211 -10.94 8.24 -13.27
N ASP A 212 -9.65 8.24 -12.99
CA ASP A 212 -9.06 9.41 -12.35
C ASP A 212 -8.95 10.55 -13.36
N LEU A 213 -8.80 10.21 -14.63
CA LEU A 213 -8.61 11.23 -15.65
C LEU A 213 -9.92 11.94 -16.02
N TRP A 214 -11.02 11.19 -16.01
CA TRP A 214 -12.32 11.79 -16.11
C TRP A 214 -12.47 12.86 -15.04
N GLY A 215 -12.00 12.54 -13.84
CA GLY A 215 -12.10 13.46 -12.72
C GLY A 215 -11.28 14.71 -12.94
N ALA A 216 -10.15 14.56 -13.63
CA ALA A 216 -9.29 15.67 -13.97
C ALA A 216 -9.97 16.54 -15.03
N GLY A 217 -10.83 15.91 -15.82
CA GLY A 217 -11.66 16.62 -16.77
C GLY A 217 -12.66 17.55 -16.09
N CYS A 218 -13.44 17.01 -15.16
CA CYS A 218 -14.42 17.82 -14.44
C CYS A 218 -13.75 18.88 -13.57
N ILE A 219 -12.58 18.56 -13.03
CA ILE A 219 -11.83 19.53 -12.25
C ILE A 219 -11.30 20.66 -13.14
N MET A 220 -10.93 20.32 -14.37
CA MET A 220 -10.39 21.32 -15.28
C MET A 220 -11.47 22.28 -15.76
N ALA A 221 -12.58 21.73 -16.24
CA ALA A 221 -13.72 22.55 -16.60
C ALA A 221 -14.06 23.45 -15.43
N GLU A 222 -14.02 22.88 -14.23
CA GLU A 222 -14.36 23.59 -13.00
C GLU A 222 -13.47 24.82 -12.77
N MET A 223 -12.29 24.82 -13.40
CA MET A 223 -11.32 25.91 -13.24
C MET A 223 -11.78 27.23 -13.85
N TRP A 224 -12.70 27.14 -14.82
CA TRP A 224 -13.31 28.33 -15.41
C TRP A 224 -14.72 28.54 -14.83
N THR A 225 -15.58 27.54 -14.96
CA THR A 225 -16.96 27.63 -14.49
C THR A 225 -17.10 27.90 -12.99
N ARG A 226 -16.03 27.68 -12.22
CA ARG A 226 -16.03 27.94 -10.78
C ARG A 226 -17.03 27.06 -10.02
N SER A 227 -17.62 26.10 -10.73
CA SER A 227 -18.75 25.33 -10.23
C SER A 227 -18.72 23.94 -10.85
N PRO A 228 -18.81 22.89 -10.02
CA PRO A 228 -18.82 21.53 -10.55
C PRO A 228 -19.81 21.39 -11.71
N ILE A 229 -19.30 21.13 -12.91
CA ILE A 229 -20.10 21.16 -14.13
C ILE A 229 -21.28 20.19 -14.20
N MET A 230 -21.14 19.01 -13.61
CA MET A 230 -22.19 18.00 -13.70
C MET A 230 -22.72 17.54 -12.34
N GLN A 231 -23.68 18.30 -11.79
CA GLN A 231 -24.19 18.04 -10.45
C GLN A 231 -25.46 17.17 -10.45
N GLY A 232 -25.31 15.90 -10.07
CA GLY A 232 -26.42 14.97 -10.07
C GLY A 232 -27.02 14.76 -8.69
N ASN A 233 -27.98 13.84 -8.61
CA ASN A 233 -28.66 13.54 -7.35
C ASN A 233 -28.77 12.03 -7.18
N THR A 234 -28.93 11.35 -8.32
CA THR A 234 -28.97 9.90 -8.35
C THR A 234 -28.03 9.41 -9.47
N GLU A 235 -27.75 8.11 -9.48
CA GLU A 235 -26.87 7.52 -10.49
C GLU A 235 -27.48 7.61 -11.90
N GLN A 236 -28.80 7.50 -12.00
CA GLN A 236 -29.50 7.62 -13.28
C GLN A 236 -29.62 9.07 -13.73
N HIS A 237 -29.58 9.99 -12.77
CA HIS A 237 -29.63 11.42 -13.08
C HIS A 237 -28.27 11.92 -13.56
N GLN A 238 -27.21 11.55 -12.85
CA GLN A 238 -25.85 11.87 -13.26
C GLN A 238 -25.58 11.29 -14.66
N LEU A 239 -25.82 9.99 -14.80
CA LEU A 239 -25.58 9.30 -16.08
C LEU A 239 -26.39 9.93 -17.22
N ALA A 240 -27.48 10.61 -16.87
CA ALA A 240 -28.26 11.32 -17.88
C ALA A 240 -27.65 12.70 -18.15
N LEU A 241 -27.32 13.42 -17.08
CA LEU A 241 -26.69 14.73 -17.20
C LEU A 241 -25.42 14.62 -18.05
N ILE A 242 -24.75 13.47 -17.94
CA ILE A 242 -23.54 13.18 -18.69
C ILE A 242 -23.87 13.12 -20.19
N SER A 243 -24.91 12.39 -20.52
CA SER A 243 -25.34 12.24 -21.91
C SER A 243 -25.70 13.59 -22.53
N GLN A 244 -26.34 14.45 -21.74
CA GLN A 244 -26.67 15.78 -22.22
C GLN A 244 -25.47 16.72 -22.10
N LEU A 245 -24.29 16.17 -22.30
CA LEU A 245 -23.05 16.93 -22.37
C LEU A 245 -22.11 16.23 -23.34
N CYS A 246 -22.05 14.90 -23.23
CA CYS A 246 -21.11 14.11 -24.03
C CYS A 246 -21.75 13.26 -25.13
N GLY A 247 -23.06 13.42 -25.32
CA GLY A 247 -23.76 12.63 -26.31
C GLY A 247 -24.27 11.31 -25.74
N SER A 248 -25.18 10.67 -26.46
CA SER A 248 -25.75 9.42 -25.97
C SER A 248 -24.71 8.32 -26.01
N ILE A 249 -24.86 7.35 -25.11
CA ILE A 249 -23.92 6.25 -24.99
C ILE A 249 -24.28 5.14 -25.98
N THR A 250 -23.60 5.15 -27.13
CA THR A 250 -23.90 4.23 -28.23
C THR A 250 -22.66 3.45 -28.64
N PRO A 251 -22.83 2.18 -29.02
CA PRO A 251 -21.70 1.34 -29.47
C PRO A 251 -20.93 1.95 -30.64
N GLU A 252 -21.46 3.01 -31.24
CA GLU A 252 -20.72 3.68 -32.31
C GLU A 252 -19.74 4.64 -31.68
N VAL A 253 -20.07 5.08 -30.46
CA VAL A 253 -19.24 6.01 -29.70
C VAL A 253 -18.29 5.22 -28.79
N TRP A 254 -18.76 4.05 -28.37
CA TRP A 254 -18.14 3.27 -27.31
C TRP A 254 -18.23 1.79 -27.68
N PRO A 255 -17.39 1.35 -28.62
CA PRO A 255 -17.34 -0.03 -29.10
C PRO A 255 -17.56 -1.05 -27.99
N ASN A 256 -18.64 -1.83 -28.10
CA ASN A 256 -18.96 -2.88 -27.15
C ASN A 256 -19.49 -2.38 -25.80
N VAL A 257 -20.06 -1.19 -25.79
CA VAL A 257 -20.71 -0.68 -24.58
C VAL A 257 -21.96 -1.49 -24.27
N ASP A 258 -22.39 -2.30 -25.23
CA ASP A 258 -23.56 -3.18 -25.07
C ASP A 258 -23.34 -4.21 -23.96
N ASN A 259 -22.24 -4.93 -24.07
CA ASN A 259 -21.86 -5.96 -23.09
C ASN A 259 -22.22 -5.61 -21.64
N TYR A 260 -22.20 -4.32 -21.31
CA TYR A 260 -22.53 -3.87 -19.96
C TYR A 260 -23.98 -4.20 -19.62
N GLU A 261 -24.20 -4.82 -18.46
CA GLU A 261 -25.55 -5.22 -18.04
C GLU A 261 -26.52 -4.04 -17.89
N LEU A 262 -26.21 -3.12 -16.99
CA LEU A 262 -27.12 -2.02 -16.66
C LEU A 262 -27.46 -1.11 -17.86
N TYR A 263 -27.00 -1.49 -19.04
CA TYR A 263 -27.21 -0.68 -20.25
C TYR A 263 -28.66 -0.73 -20.74
N GLU A 264 -29.49 -1.45 -20.00
CA GLU A 264 -30.90 -1.60 -20.32
C GLU A 264 -31.74 -0.85 -19.30
N LYS A 265 -31.24 0.30 -18.84
CA LYS A 265 -31.96 1.11 -17.87
C LYS A 265 -31.72 2.60 -18.10
N LEU A 266 -32.62 3.22 -18.88
CA LEU A 266 -32.58 4.65 -19.17
C LEU A 266 -31.62 5.01 -20.32
N GLU A 267 -32.09 4.86 -21.55
CA GLU A 267 -31.32 5.26 -22.72
C GLU A 267 -31.49 6.75 -22.96
N LEU A 268 -30.91 7.24 -24.06
CA LEU A 268 -31.05 8.63 -24.47
C LEU A 268 -30.36 8.84 -25.82
N VAL A 269 -30.75 9.87 -26.54
CA VAL A 269 -30.07 10.22 -27.80
C VAL A 269 -30.30 11.68 -28.18
N VAL A 276 -20.97 20.12 -25.63
CA VAL A 276 -19.76 19.82 -24.82
C VAL A 276 -18.66 20.85 -24.95
N LYS A 277 -18.28 21.14 -26.19
CA LYS A 277 -17.41 22.25 -26.49
C LYS A 277 -18.30 23.48 -26.59
N ASP A 278 -19.55 23.27 -26.99
CA ASP A 278 -20.50 24.36 -27.10
C ASP A 278 -21.09 24.77 -25.74
N ARG A 279 -21.19 23.84 -24.80
CA ARG A 279 -21.70 24.16 -23.47
C ARG A 279 -20.67 24.91 -22.63
N LEU A 280 -19.40 24.66 -22.90
CA LEU A 280 -18.32 25.29 -22.17
C LEU A 280 -17.68 26.40 -22.99
N LYS A 281 -18.04 26.46 -24.27
CA LYS A 281 -17.62 27.51 -25.18
C LYS A 281 -17.62 28.87 -24.47
N ALA A 282 -18.71 29.17 -23.76
CA ALA A 282 -18.89 30.44 -23.04
C ALA A 282 -17.79 30.70 -22.00
N TYR A 283 -17.71 29.83 -21.00
CA TYR A 283 -16.80 29.99 -19.85
C TYR A 283 -15.30 29.98 -20.20
N VAL A 284 -14.91 29.11 -21.14
CA VAL A 284 -13.50 28.82 -21.37
C VAL A 284 -12.84 29.73 -22.40
N ARG A 285 -13.45 29.80 -23.59
CA ARG A 285 -12.95 30.64 -24.67
C ARG A 285 -11.70 30.09 -25.38
N ASP A 286 -10.61 29.88 -24.63
CA ASP A 286 -9.37 29.35 -25.22
C ASP A 286 -9.57 27.98 -25.91
N PRO A 287 -9.24 27.88 -27.21
CA PRO A 287 -9.53 26.65 -27.96
C PRO A 287 -8.78 25.45 -27.40
N TYR A 288 -7.52 25.64 -27.03
CA TYR A 288 -6.67 24.55 -26.52
C TYR A 288 -7.21 23.97 -25.21
N ALA A 289 -7.48 24.85 -24.26
CA ALA A 289 -8.15 24.46 -23.02
C ALA A 289 -9.39 23.62 -23.35
N LEU A 290 -10.15 24.08 -24.34
CA LEU A 290 -11.38 23.43 -24.74
C LEU A 290 -11.12 22.06 -25.40
N ASP A 291 -10.09 21.96 -26.23
CA ASP A 291 -9.80 20.71 -26.91
C ASP A 291 -9.41 19.64 -25.89
N LEU A 292 -8.56 20.00 -24.93
CA LEU A 292 -8.11 19.07 -23.92
C LEU A 292 -9.25 18.57 -23.05
N ILE A 293 -10.12 19.49 -22.63
CA ILE A 293 -11.25 19.11 -21.79
C ILE A 293 -12.17 18.14 -22.52
N ASP A 294 -12.22 18.24 -23.84
CA ASP A 294 -13.01 17.30 -24.64
C ASP A 294 -12.35 15.92 -24.67
N LYS A 295 -11.01 15.90 -24.73
CA LYS A 295 -10.28 14.64 -24.73
C LYS A 295 -10.28 13.96 -23.36
N LEU A 296 -10.42 14.76 -22.30
CA LEU A 296 -10.54 14.24 -20.94
C LEU A 296 -11.94 13.70 -20.63
N LEU A 297 -12.97 14.39 -21.10
CA LEU A 297 -14.35 13.96 -20.86
C LEU A 297 -14.89 13.09 -21.98
N VAL A 298 -14.17 12.02 -22.30
CA VAL A 298 -14.58 11.10 -23.36
C VAL A 298 -15.23 9.88 -22.74
N LEU A 299 -16.35 9.45 -23.32
CA LEU A 299 -17.17 8.37 -22.74
C LEU A 299 -16.45 7.02 -22.72
N ASP A 300 -15.83 6.65 -23.83
CA ASP A 300 -15.11 5.40 -23.89
C ASP A 300 -13.76 5.51 -23.15
N PRO A 301 -13.65 4.84 -21.99
CA PRO A 301 -12.44 4.89 -21.15
C PRO A 301 -11.16 4.57 -21.90
N ALA A 302 -11.26 3.88 -23.03
CA ALA A 302 -10.07 3.48 -23.77
C ALA A 302 -9.72 4.48 -24.85
N GLN A 303 -10.61 5.44 -25.10
CA GLN A 303 -10.33 6.51 -26.04
C GLN A 303 -10.07 7.85 -25.33
N ARG A 304 -10.34 7.86 -24.03
CA ARG A 304 -10.03 8.99 -23.17
C ARG A 304 -8.54 9.16 -23.02
N ILE A 305 -8.08 10.40 -23.06
CA ILE A 305 -6.66 10.69 -23.02
C ILE A 305 -6.02 10.29 -21.66
N ASP A 306 -4.75 9.93 -21.71
CA ASP A 306 -4.04 9.58 -20.48
C ASP A 306 -3.25 10.76 -19.94
N SER A 307 -2.69 10.62 -18.74
CA SER A 307 -1.95 11.70 -18.14
C SER A 307 -0.70 12.05 -18.96
N ASP A 308 -0.17 11.06 -19.67
CA ASP A 308 1.03 11.27 -20.45
C ASP A 308 0.76 12.16 -21.66
N ASP A 309 -0.18 11.74 -22.51
CA ASP A 309 -0.57 12.52 -23.68
C ASP A 309 -1.17 13.88 -23.34
N ALA A 310 -1.78 13.99 -22.17
CA ALA A 310 -2.37 15.26 -21.78
C ALA A 310 -1.27 16.25 -21.46
N LEU A 311 -0.22 15.80 -20.77
CA LEU A 311 0.88 16.69 -20.42
C LEU A 311 1.53 17.23 -21.69
N ASN A 312 1.40 16.46 -22.76
CA ASN A 312 1.96 16.75 -24.07
C ASN A 312 1.01 17.56 -24.95
N HIS A 313 -0.26 17.57 -24.57
CA HIS A 313 -1.28 18.26 -25.34
C HIS A 313 -0.89 19.72 -25.50
N ASP A 314 -1.27 20.31 -26.64
CA ASP A 314 -0.84 21.67 -26.98
C ASP A 314 -1.10 22.68 -25.85
N PHE A 315 -2.16 22.44 -25.09
CA PHE A 315 -2.55 23.33 -23.99
C PHE A 315 -1.35 23.81 -23.16
N PHE A 316 -0.42 22.90 -22.86
CA PHE A 316 0.68 23.18 -21.95
C PHE A 316 1.92 23.72 -22.69
N TRP A 317 1.78 23.90 -24.00
CA TRP A 317 2.92 24.13 -24.87
C TRP A 317 2.71 25.26 -25.87
N SER A 318 1.70 26.08 -25.62
CA SER A 318 1.41 27.23 -26.45
C SER A 318 1.17 28.43 -25.54
N ASP A 319 1.37 29.64 -26.07
CA ASP A 319 1.25 30.87 -25.29
C ASP A 319 -0.17 31.14 -24.81
N PRO A 320 -0.32 31.66 -23.57
CA PRO A 320 0.76 31.94 -22.61
C PRO A 320 1.21 30.67 -21.90
N MET A 321 2.51 30.46 -21.75
CA MET A 321 3.00 29.26 -21.07
C MET A 321 2.51 29.21 -19.63
N PRO A 322 2.60 28.03 -18.99
CA PRO A 322 2.17 27.88 -17.60
C PRO A 322 3.04 28.68 -16.65
N SER A 323 2.46 29.29 -15.61
CA SER A 323 3.20 30.15 -14.69
C SER A 323 2.99 29.82 -13.21
N ASP A 324 3.97 30.17 -12.37
CA ASP A 324 3.91 29.89 -10.93
C ASP A 324 2.77 30.62 -10.22
N LEU A 325 2.52 30.27 -8.97
CA LEU A 325 1.31 30.73 -8.28
C LEU A 325 1.52 31.71 -7.11
N LYS A 326 0.67 32.74 -7.09
CA LYS A 326 0.70 33.82 -6.08
C LYS A 326 -0.69 34.18 -5.52
N ASN B 10 16.30 3.28 6.54
CA ASN B 10 16.80 2.73 5.28
C ASN B 10 17.56 1.39 5.43
N LYS B 11 18.51 1.36 6.36
CA LYS B 11 19.17 0.13 6.77
C LYS B 11 18.81 -0.05 8.23
N ARG B 12 17.64 0.45 8.57
CA ARG B 12 17.08 0.37 9.92
C ARG B 12 16.81 -1.05 10.38
N TRP B 13 16.21 -1.86 9.51
CA TRP B 13 15.86 -3.22 9.90
C TRP B 13 16.90 -4.25 9.48
N TYR B 14 18.11 -3.77 9.19
CA TYR B 14 19.22 -4.68 8.97
C TYR B 14 20.27 -4.56 10.04
N PHE B 15 20.78 -5.71 10.44
CA PHE B 15 21.58 -5.80 11.64
C PHE B 15 22.87 -6.54 11.38
N THR B 16 23.87 -6.26 12.21
CA THR B 16 25.16 -6.94 12.13
C THR B 16 25.08 -8.20 12.97
N ARG B 17 26.12 -9.04 12.91
CA ARG B 17 26.12 -10.25 13.74
C ARG B 17 26.16 -9.88 15.22
N GLU B 18 26.84 -8.78 15.53
CA GLU B 18 26.97 -8.27 16.89
C GLU B 18 25.70 -7.64 17.47
N GLN B 19 24.90 -7.00 16.61
CA GLN B 19 23.63 -6.47 17.06
C GLN B 19 22.64 -7.61 17.26
N LEU B 20 22.81 -8.69 16.51
CA LEU B 20 22.00 -9.87 16.70
C LEU B 20 22.37 -10.61 18.00
N GLU B 21 23.64 -10.53 18.38
CA GLU B 21 24.03 -11.04 19.68
C GLU B 21 23.41 -10.19 20.82
N ASN B 22 23.53 -8.87 20.75
CA ASN B 22 22.95 -8.01 21.81
C ASN B 22 21.48 -7.69 21.61
N SER B 23 20.67 -8.74 21.52
CA SER B 23 19.25 -8.60 21.31
C SER B 23 18.53 -8.16 22.58
N PRO B 24 17.34 -7.58 22.45
CA PRO B 24 16.58 -7.27 23.66
C PRO B 24 16.43 -8.49 24.57
N SER B 25 16.24 -9.67 23.98
CA SER B 25 16.07 -10.88 24.75
C SER B 25 17.33 -11.19 25.58
N ARG B 26 18.49 -10.86 25.05
CA ARG B 26 19.76 -11.15 25.74
C ARG B 26 19.90 -10.39 27.05
N ARG B 27 19.43 -9.15 27.05
CA ARG B 27 19.41 -8.34 28.27
C ARG B 27 18.71 -9.07 29.39
N PHE B 28 17.56 -9.66 29.10
CA PHE B 28 16.79 -10.33 30.15
C PHE B 28 17.15 -11.80 30.43
N GLY B 29 18.31 -12.22 29.94
CA GLY B 29 18.87 -13.51 30.34
C GLY B 29 18.76 -14.60 29.32
N VAL B 30 17.99 -14.38 28.26
CA VAL B 30 17.76 -15.44 27.28
C VAL B 30 18.99 -15.73 26.44
N ASP B 31 19.57 -16.90 26.69
CA ASP B 31 20.63 -17.46 25.88
C ASP B 31 20.41 -17.22 24.37
N PRO B 32 21.49 -17.00 23.61
CA PRO B 32 21.48 -16.93 22.14
C PRO B 32 20.72 -18.06 21.47
N ASP B 33 21.14 -19.29 21.75
CA ASP B 33 20.51 -20.47 21.19
C ASP B 33 19.04 -20.57 21.53
N LYS B 34 18.69 -20.21 22.76
CA LYS B 34 17.30 -20.21 23.19
C LYS B 34 16.47 -19.28 22.30
N GLU B 35 16.94 -18.05 22.16
CA GLU B 35 16.28 -17.09 21.28
C GLU B 35 16.04 -17.66 19.89
N LEU B 36 17.03 -18.31 19.27
CA LEU B 36 16.83 -18.82 17.92
C LEU B 36 15.64 -19.78 17.87
N SER B 37 15.45 -20.53 18.94
CA SER B 37 14.33 -21.45 19.06
C SER B 37 13.00 -20.72 19.20
N TYR B 38 12.93 -19.76 20.12
CA TYR B 38 11.72 -18.97 20.26
C TYR B 38 11.28 -18.41 18.92
N ARG B 39 12.23 -17.95 18.11
CA ARG B 39 11.94 -17.53 16.76
C ARG B 39 11.40 -18.67 15.88
N GLN B 40 12.02 -19.85 15.93
CA GLN B 40 11.55 -20.99 15.13
C GLN B 40 10.18 -21.47 15.59
N GLN B 41 9.90 -21.41 16.89
CA GLN B 41 8.62 -21.88 17.39
C GLN B 41 7.51 -20.92 16.99
N ALA B 42 7.81 -19.62 17.03
CA ALA B 42 6.86 -18.61 16.55
C ALA B 42 6.57 -18.84 15.08
N ALA B 43 7.63 -18.96 14.29
CA ALA B 43 7.50 -19.26 12.88
C ALA B 43 6.62 -20.50 12.68
N ASN B 44 6.88 -21.55 13.46
CA ASN B 44 6.09 -22.77 13.33
C ASN B 44 4.62 -22.51 13.63
N LEU B 45 4.37 -21.82 14.73
CA LEU B 45 3.00 -21.52 15.14
C LEU B 45 2.31 -20.67 14.09
N LEU B 46 3.09 -19.78 13.46
CA LEU B 46 2.58 -18.97 12.38
C LEU B 46 2.14 -19.81 11.18
N GLN B 47 2.95 -20.78 10.80
CA GLN B 47 2.65 -21.62 9.67
C GLN B 47 1.43 -22.50 9.97
N ASP B 48 1.36 -23.06 11.18
CA ASP B 48 0.21 -23.86 11.59
C ASP B 48 -1.10 -23.01 11.57
N MET B 49 -1.16 -21.96 12.38
CA MET B 49 -2.31 -21.07 12.32
C MET B 49 -2.66 -20.67 10.88
N GLY B 50 -1.65 -20.37 10.08
CA GLY B 50 -1.86 -19.86 8.73
C GLY B 50 -2.49 -20.84 7.75
N GLN B 51 -2.08 -22.10 7.79
CA GLN B 51 -2.69 -23.08 6.91
C GLN B 51 -4.13 -23.34 7.33
N ARG B 52 -4.39 -23.40 8.63
CA ARG B 52 -5.76 -23.59 9.12
C ARG B 52 -6.67 -22.42 8.77
N LEU B 53 -6.10 -21.22 8.77
CA LEU B 53 -6.88 -20.01 8.54
C LEU B 53 -7.06 -19.81 7.04
N ASN B 54 -6.37 -20.62 6.26
CA ASN B 54 -6.44 -20.60 4.81
C ASN B 54 -6.00 -19.25 4.22
N VAL B 55 -4.88 -18.76 4.75
CA VAL B 55 -4.19 -17.62 4.16
C VAL B 55 -2.98 -18.12 3.35
N SER B 56 -2.40 -17.24 2.55
CA SER B 56 -1.26 -17.58 1.67
C SER B 56 0.08 -17.73 2.37
N GLN B 57 1.01 -18.42 1.75
CA GLN B 57 2.38 -18.46 2.28
C GLN B 57 2.95 -17.05 2.36
N LEU B 58 2.53 -16.17 1.44
CA LEU B 58 3.01 -14.81 1.46
C LEU B 58 2.60 -14.08 2.74
N THR B 59 1.36 -14.30 3.19
CA THR B 59 0.90 -13.74 4.45
C THR B 59 1.71 -14.27 5.63
N ILE B 60 1.78 -15.59 5.76
CA ILE B 60 2.64 -16.21 6.76
C ILE B 60 4.08 -15.62 6.73
N ASN B 61 4.68 -15.54 5.56
CA ASN B 61 6.02 -14.99 5.44
C ASN B 61 6.09 -13.58 6.01
N THR B 62 5.13 -12.75 5.61
CA THR B 62 5.02 -11.39 6.10
C THR B 62 4.90 -11.35 7.63
N ALA B 63 4.04 -12.20 8.19
CA ALA B 63 3.90 -12.30 9.65
C ALA B 63 5.20 -12.75 10.32
N ILE B 64 5.91 -13.65 9.67
CA ILE B 64 7.18 -14.12 10.18
C ILE B 64 8.25 -12.99 10.27
N VAL B 65 8.27 -12.11 9.28
CA VAL B 65 9.23 -11.02 9.27
C VAL B 65 8.83 -10.00 10.34
N TYR B 66 7.53 -9.80 10.53
CA TYR B 66 7.03 -8.96 11.62
C TYR B 66 7.61 -9.46 12.94
N MET B 67 7.31 -10.71 13.27
CA MET B 67 7.92 -11.41 14.39
C MET B 67 9.43 -11.14 14.50
N HIS B 68 10.17 -11.36 13.43
CA HIS B 68 11.63 -11.23 13.46
C HIS B 68 12.09 -9.84 13.85
N ARG B 69 11.50 -8.85 13.19
CA ARG B 69 11.81 -7.47 13.50
C ARG B 69 11.33 -7.13 14.90
N PHE B 70 10.12 -7.55 15.23
CA PHE B 70 9.54 -7.22 16.53
C PHE B 70 10.42 -7.61 17.71
N TYR B 71 11.16 -8.71 17.59
CA TYR B 71 12.01 -9.19 18.69
C TYR B 71 13.46 -8.68 18.64
N MET B 72 13.70 -7.70 17.75
CA MET B 72 14.95 -6.96 17.74
C MET B 72 14.76 -5.67 18.54
N ILE B 73 13.56 -5.51 19.09
CA ILE B 73 13.15 -4.29 19.77
C ILE B 73 12.54 -4.64 21.13
N GLN B 74 11.68 -5.66 21.12
CA GLN B 74 11.13 -6.22 22.34
C GLN B 74 11.82 -7.55 22.77
N SER B 75 11.51 -8.01 23.97
CA SER B 75 12.15 -9.21 24.49
C SER B 75 11.15 -10.35 24.63
N PHE B 76 11.62 -11.57 24.38
CA PHE B 76 10.76 -12.74 24.51
C PHE B 76 10.34 -12.93 25.96
N THR B 77 11.16 -12.42 26.88
CA THR B 77 10.86 -12.53 28.30
C THR B 77 9.66 -11.67 28.69
N ARG B 78 9.33 -10.69 27.85
CA ARG B 78 8.19 -9.83 28.11
C ARG B 78 6.97 -10.14 27.23
N PHE B 79 7.23 -10.42 25.97
CA PHE B 79 6.17 -10.81 25.06
C PHE B 79 6.48 -12.19 24.54
N PRO B 80 5.72 -13.18 24.98
CA PRO B 80 5.87 -14.58 24.59
C PRO B 80 5.48 -14.78 23.13
N GLY B 81 6.24 -15.58 22.38
CA GLY B 81 5.92 -15.86 20.99
C GLY B 81 4.50 -16.36 20.77
N ASN B 82 3.96 -17.09 21.75
CA ASN B 82 2.62 -17.64 21.64
C ASN B 82 1.54 -16.56 21.74
N SER B 83 1.87 -15.43 22.32
CA SER B 83 0.98 -14.28 22.31
C SER B 83 1.21 -13.41 21.09
N VAL B 84 2.47 -13.19 20.72
CA VAL B 84 2.79 -12.29 19.62
C VAL B 84 2.46 -12.86 18.24
N ALA B 85 2.66 -14.15 18.04
CA ALA B 85 2.44 -14.77 16.74
C ALA B 85 1.01 -14.62 16.18
N PRO B 86 -0.01 -14.93 16.99
CA PRO B 86 -1.38 -14.69 16.53
C PRO B 86 -1.62 -13.23 16.14
N ALA B 87 -1.31 -12.31 17.02
CA ALA B 87 -1.53 -10.92 16.67
C ALA B 87 -0.79 -10.55 15.37
N ALA B 88 0.45 -11.00 15.22
CA ALA B 88 1.24 -10.64 14.04
C ALA B 88 0.58 -11.15 12.77
N LEU B 89 0.08 -12.38 12.84
CA LEU B 89 -0.57 -12.99 11.69
C LEU B 89 -1.87 -12.29 11.37
N PHE B 90 -2.54 -11.83 12.42
CA PHE B 90 -3.81 -11.12 12.30
C PHE B 90 -3.59 -9.83 11.52
N LEU B 91 -2.51 -9.14 11.84
CA LEU B 91 -2.11 -7.90 11.18
C LEU B 91 -1.72 -8.18 9.75
N ALA B 92 -0.78 -9.11 9.60
CA ALA B 92 -0.25 -9.48 8.30
C ALA B 92 -1.37 -9.86 7.33
N ALA B 93 -2.41 -10.52 7.82
CA ALA B 93 -3.49 -10.92 6.94
C ALA B 93 -4.28 -9.70 6.44
N LYS B 94 -4.40 -8.67 7.28
CA LYS B 94 -5.11 -7.45 6.87
C LYS B 94 -4.24 -6.67 5.89
N VAL B 95 -2.95 -6.63 6.18
CA VAL B 95 -2.02 -5.92 5.33
C VAL B 95 -1.88 -6.57 3.96
N GLU B 96 -2.00 -7.89 3.91
CA GLU B 96 -1.79 -8.60 2.64
C GLU B 96 -3.10 -8.86 1.91
N GLY B 97 -4.18 -8.22 2.37
CA GLY B 97 -5.46 -8.28 1.68
C GLY B 97 -6.27 -9.55 1.83
N GLN B 98 -5.98 -10.33 2.86
CA GLN B 98 -6.71 -11.57 3.11
C GLN B 98 -7.23 -11.54 4.53
N PRO B 99 -7.99 -10.50 4.89
CA PRO B 99 -8.29 -10.26 6.29
C PRO B 99 -9.07 -11.41 6.89
N LYS B 100 -8.74 -11.76 8.11
CA LYS B 100 -9.43 -12.80 8.83
C LYS B 100 -10.02 -12.16 10.08
N LYS B 101 -11.15 -12.68 10.53
CA LYS B 101 -11.85 -12.04 11.64
C LYS B 101 -11.17 -12.32 12.97
N LEU B 102 -11.19 -11.32 13.84
CA LEU B 102 -10.55 -11.41 15.14
C LEU B 102 -11.01 -12.63 15.95
N GLU B 103 -12.32 -12.82 16.07
CA GLU B 103 -12.87 -14.04 16.68
C GLU B 103 -12.28 -15.29 16.02
N HIS B 104 -12.10 -15.22 14.71
CA HIS B 104 -11.59 -16.35 13.94
C HIS B 104 -10.11 -16.67 14.23
N VAL B 105 -9.26 -15.65 14.24
CA VAL B 105 -7.87 -15.88 14.61
C VAL B 105 -7.72 -16.35 16.06
N ILE B 106 -8.57 -15.85 16.96
CA ILE B 106 -8.55 -16.29 18.35
C ILE B 106 -8.86 -17.79 18.50
N LYS B 107 -9.90 -18.23 17.80
CA LYS B 107 -10.37 -19.62 17.83
C LYS B 107 -9.30 -20.57 17.33
N VAL B 108 -8.59 -20.18 16.27
CA VAL B 108 -7.56 -21.02 15.68
C VAL B 108 -6.25 -20.97 16.48
N ALA B 109 -5.89 -19.79 16.96
CA ALA B 109 -4.74 -19.69 17.82
C ALA B 109 -4.93 -20.62 19.02
N HIS B 110 -6.14 -20.63 19.57
CA HIS B 110 -6.41 -21.43 20.76
C HIS B 110 -6.28 -22.95 20.54
N THR B 111 -6.80 -23.44 19.41
CA THR B 111 -6.77 -24.87 19.13
C THR B 111 -5.33 -25.35 18.85
N CYS B 112 -4.50 -24.48 18.30
CA CYS B 112 -3.10 -24.81 18.04
C CYS B 112 -2.28 -24.87 19.34
N LEU B 113 -2.50 -23.90 20.22
CA LEU B 113 -1.78 -23.85 21.48
C LEU B 113 -2.30 -24.88 22.51
N HIS B 114 -3.58 -25.23 22.40
CA HIS B 114 -4.23 -26.11 23.38
C HIS B 114 -5.17 -27.09 22.69
N PRO B 115 -4.63 -28.07 21.98
CA PRO B 115 -5.47 -28.93 21.14
C PRO B 115 -6.57 -29.56 21.95
N GLN B 116 -6.32 -29.74 23.24
CA GLN B 116 -7.19 -30.50 24.12
C GLN B 116 -8.26 -29.64 24.79
N GLU B 117 -7.84 -28.58 25.48
CA GLU B 117 -8.79 -27.66 26.11
C GLU B 117 -9.81 -27.23 25.07
N SER B 118 -10.87 -26.56 25.51
CA SER B 118 -11.86 -26.09 24.57
C SER B 118 -12.12 -24.62 24.79
N LEU B 119 -12.49 -23.92 23.71
CA LEU B 119 -12.60 -22.47 23.73
C LEU B 119 -13.57 -21.98 24.80
N PRO B 120 -13.17 -20.92 25.54
CA PRO B 120 -14.06 -20.35 26.55
C PRO B 120 -15.34 -19.81 25.93
N ASP B 121 -16.29 -19.46 26.77
CA ASP B 121 -17.57 -18.98 26.30
C ASP B 121 -17.37 -17.59 25.72
N THR B 122 -17.82 -17.40 24.48
CA THR B 122 -17.68 -16.10 23.82
C THR B 122 -18.45 -15.01 24.55
N ARG B 123 -19.05 -15.40 25.68
CA ARG B 123 -19.78 -14.46 26.52
C ARG B 123 -18.96 -14.12 27.77
N SER B 124 -17.96 -14.94 28.08
CA SER B 124 -17.23 -14.84 29.36
C SER B 124 -16.30 -13.64 29.46
N GLU B 125 -15.81 -13.39 30.66
CA GLU B 125 -14.90 -12.28 30.89
C GLU B 125 -13.49 -12.71 30.52
N ALA B 126 -13.31 -14.02 30.39
CA ALA B 126 -12.01 -14.58 30.02
C ALA B 126 -11.75 -14.53 28.50
N TYR B 127 -12.77 -14.85 27.71
CA TYR B 127 -12.67 -14.74 26.26
C TYR B 127 -12.69 -13.27 25.82
N LEU B 128 -13.54 -12.47 26.46
CA LEU B 128 -13.62 -11.06 26.14
C LEU B 128 -12.28 -10.39 26.39
N GLN B 129 -11.55 -10.93 27.35
CA GLN B 129 -10.21 -10.46 27.66
C GLN B 129 -9.22 -10.81 26.56
N GLN B 130 -9.12 -12.07 26.19
CA GLN B 130 -8.07 -12.48 25.26
C GLN B 130 -8.26 -11.88 23.88
N VAL B 131 -9.47 -11.42 23.59
CA VAL B 131 -9.71 -10.68 22.36
C VAL B 131 -9.06 -9.32 22.46
N GLN B 132 -9.21 -8.67 23.60
CA GLN B 132 -8.57 -7.39 23.87
C GLN B 132 -7.04 -7.48 23.94
N ASP B 133 -6.52 -8.60 24.46
CA ASP B 133 -5.08 -8.79 24.54
C ASP B 133 -4.49 -8.81 23.14
N LEU B 134 -5.14 -9.51 22.23
CA LEU B 134 -4.70 -9.54 20.84
C LEU B 134 -4.76 -8.15 20.20
N VAL B 135 -5.88 -7.46 20.41
CA VAL B 135 -6.05 -6.12 19.84
C VAL B 135 -5.00 -5.15 20.37
N ILE B 136 -4.62 -5.35 21.63
CA ILE B 136 -3.60 -4.51 22.24
C ILE B 136 -2.22 -4.82 21.69
N LEU B 137 -2.01 -6.10 21.40
CA LEU B 137 -0.71 -6.58 20.93
C LEU B 137 -0.46 -6.18 19.48
N GLU B 138 -1.52 -6.19 18.66
CA GLU B 138 -1.41 -5.68 17.29
C GLU B 138 -0.92 -4.24 17.34
N SER B 139 -1.55 -3.47 18.22
CA SER B 139 -1.17 -2.08 18.42
C SER B 139 0.31 -1.92 18.82
N ILE B 140 0.75 -2.78 19.74
CA ILE B 140 2.15 -2.75 20.17
C ILE B 140 3.10 -3.15 19.04
N ILE B 141 2.67 -4.07 18.17
CA ILE B 141 3.46 -4.47 17.02
C ILE B 141 3.59 -3.33 15.99
N LEU B 142 2.49 -2.64 15.69
CA LEU B 142 2.54 -1.58 14.69
C LEU B 142 3.48 -0.51 15.14
N GLN B 143 3.46 -0.21 16.44
CA GLN B 143 4.31 0.83 16.98
C GLN B 143 5.79 0.42 17.04
N THR B 144 6.03 -0.85 17.34
CA THR B 144 7.38 -1.35 17.35
C THR B 144 7.98 -1.33 15.94
N LEU B 145 7.16 -1.60 14.93
CA LEU B 145 7.66 -1.67 13.57
C LEU B 145 7.67 -0.28 12.94
N GLY B 146 7.15 0.70 13.67
CA GLY B 146 7.08 2.06 13.16
C GLY B 146 6.18 2.11 11.95
N PHE B 147 5.14 1.27 11.97
CA PHE B 147 4.11 1.28 10.93
C PHE B 147 4.61 0.87 9.55
N GLU B 148 5.85 0.41 9.51
CA GLU B 148 6.46 -0.11 8.29
C GLU B 148 5.98 -1.54 8.02
N LEU B 149 4.92 -1.68 7.23
CA LEU B 149 4.29 -2.98 7.06
C LEU B 149 4.52 -3.64 5.71
N THR B 150 5.04 -2.88 4.75
CA THR B 150 5.31 -3.39 3.42
C THR B 150 6.61 -4.17 3.38
N ILE B 151 6.50 -5.47 3.23
CA ILE B 151 7.65 -6.33 3.37
C ILE B 151 8.01 -6.94 2.02
N ASP B 152 9.29 -6.89 1.67
CA ASP B 152 9.73 -7.55 0.45
C ASP B 152 10.30 -8.95 0.75
N HIS B 153 9.82 -9.97 0.02
CA HIS B 153 10.27 -11.33 0.28
C HIS B 153 11.23 -11.91 -0.77
N PRO B 154 12.18 -12.75 -0.33
CA PRO B 154 13.13 -13.32 -1.28
C PRO B 154 12.42 -13.97 -2.44
N HIS B 155 11.20 -14.47 -2.23
CA HIS B 155 10.53 -15.28 -3.24
C HIS B 155 10.35 -14.55 -4.56
N THR B 156 9.85 -13.32 -4.50
CA THR B 156 9.67 -12.47 -5.66
C THR B 156 10.85 -12.59 -6.60
N HIS B 157 12.05 -12.48 -6.02
CA HIS B 157 13.29 -12.44 -6.78
C HIS B 157 13.79 -13.82 -7.20
N VAL B 158 13.37 -14.86 -6.49
CA VAL B 158 13.77 -16.22 -6.86
C VAL B 158 13.04 -16.56 -8.14
N VAL B 159 11.73 -16.37 -8.10
CA VAL B 159 10.87 -16.64 -9.23
C VAL B 159 11.25 -15.82 -10.48
N LYS B 160 11.92 -14.68 -10.29
CA LYS B 160 12.43 -13.94 -11.42
C LYS B 160 13.55 -14.74 -12.08
N CYS B 161 14.65 -14.87 -11.36
CA CYS B 161 15.84 -15.58 -11.83
C CYS B 161 15.61 -17.02 -12.34
N THR B 162 14.92 -17.85 -11.56
CA THR B 162 14.78 -19.26 -11.91
C THR B 162 14.17 -19.46 -13.29
N GLN B 163 13.43 -18.47 -13.77
CA GLN B 163 12.90 -18.50 -15.12
C GLN B 163 13.96 -18.04 -16.12
N LEU B 164 14.64 -16.95 -15.79
CA LEU B 164 15.68 -16.41 -16.65
C LEU B 164 16.98 -17.24 -16.58
N VAL B 165 16.86 -18.50 -16.16
CA VAL B 165 17.92 -19.51 -16.37
C VAL B 165 17.29 -20.85 -16.72
N ARG B 166 16.00 -20.82 -17.03
CA ARG B 166 15.19 -22.01 -17.30
C ARG B 166 15.54 -23.21 -16.43
N ALA B 167 15.38 -23.01 -15.12
CA ALA B 167 15.50 -24.09 -14.16
C ALA B 167 14.32 -25.03 -14.35
N SER B 168 14.55 -26.32 -14.12
CA SER B 168 13.47 -27.30 -14.19
C SER B 168 12.38 -26.89 -13.21
N LYS B 169 11.16 -27.37 -13.43
CA LYS B 169 10.10 -27.04 -12.50
C LYS B 169 10.56 -27.42 -11.11
N ASP B 170 11.19 -28.59 -11.02
CA ASP B 170 11.76 -29.08 -9.78
C ASP B 170 12.73 -28.10 -9.10
N LEU B 171 13.70 -27.57 -9.85
CA LEU B 171 14.68 -26.67 -9.24
C LEU B 171 14.01 -25.41 -8.72
N ALA B 172 12.98 -24.95 -9.44
CA ALA B 172 12.26 -23.75 -9.05
C ALA B 172 11.51 -23.99 -7.75
N GLN B 173 10.82 -25.11 -7.66
CA GLN B 173 10.10 -25.47 -6.44
C GLN B 173 11.05 -25.53 -5.23
N THR B 174 12.16 -26.25 -5.37
CA THR B 174 13.18 -26.30 -4.35
C THR B 174 13.69 -24.91 -3.93
N SER B 175 13.78 -23.96 -4.87
CA SER B 175 14.20 -22.60 -4.52
C SER B 175 13.18 -21.86 -3.66
N TYR B 176 11.93 -21.91 -4.09
CA TYR B 176 10.83 -21.44 -3.26
C TYR B 176 10.94 -22.07 -1.85
N PHE B 177 11.18 -23.38 -1.80
CA PHE B 177 11.29 -24.13 -0.54
C PHE B 177 12.34 -23.53 0.38
N MET B 178 13.56 -23.46 -0.12
CA MET B 178 14.66 -22.84 0.60
C MET B 178 14.28 -21.44 1.06
N ALA B 179 13.64 -20.67 0.19
CA ALA B 179 13.23 -19.30 0.55
C ALA B 179 12.38 -19.29 1.80
N THR B 180 11.27 -20.04 1.74
CA THR B 180 10.38 -20.13 2.89
C THR B 180 11.13 -20.64 4.12
N ASN B 181 11.92 -21.69 3.94
CA ASN B 181 12.59 -22.25 5.09
C ASN B 181 13.64 -21.38 5.71
N SER B 182 14.17 -20.44 4.92
CA SER B 182 15.12 -19.45 5.45
C SER B 182 14.41 -18.52 6.44
N LEU B 183 13.13 -18.26 6.21
CA LEU B 183 12.34 -17.45 7.13
C LEU B 183 12.04 -18.15 8.45
N HIS B 184 11.75 -19.44 8.40
CA HIS B 184 11.52 -20.20 9.63
C HIS B 184 12.82 -20.41 10.41
N LEU B 185 13.88 -20.79 9.71
CA LEU B 185 15.08 -21.36 10.36
C LEU B 185 16.23 -20.40 10.62
N THR B 186 16.35 -19.35 9.83
CA THR B 186 17.46 -18.41 10.00
C THR B 186 16.97 -17.01 10.36
N THR B 187 17.92 -16.12 10.64
CA THR B 187 17.60 -14.72 10.79
C THR B 187 18.11 -13.91 9.59
N PHE B 188 18.21 -14.56 8.42
CA PHE B 188 18.70 -13.87 7.23
C PHE B 188 17.90 -12.61 6.92
N SER B 189 16.59 -12.63 7.15
CA SER B 189 15.73 -11.51 6.78
C SER B 189 16.03 -10.26 7.62
N LEU B 190 16.78 -10.45 8.71
CA LEU B 190 17.26 -9.35 9.52
C LEU B 190 18.68 -8.92 9.11
N GLN B 191 19.34 -9.69 8.23
CA GLN B 191 20.75 -9.45 7.92
C GLN B 191 21.05 -9.19 6.45
N TYR B 192 20.26 -9.78 5.55
CA TYR B 192 20.55 -9.69 4.13
C TYR B 192 19.32 -9.28 3.34
N THR B 193 19.49 -8.42 2.33
CA THR B 193 18.38 -7.99 1.50
C THR B 193 17.75 -9.20 0.86
N PRO B 194 16.47 -9.10 0.46
CA PRO B 194 15.75 -10.20 -0.16
C PRO B 194 16.38 -10.76 -1.43
N PRO B 195 16.88 -9.91 -2.33
CA PRO B 195 17.49 -10.47 -3.53
C PRO B 195 18.72 -11.34 -3.20
N VAL B 196 19.51 -10.94 -2.22
CA VAL B 196 20.63 -11.74 -1.77
C VAL B 196 20.18 -13.08 -1.18
N VAL B 197 19.21 -13.01 -0.27
CA VAL B 197 18.64 -14.22 0.29
C VAL B 197 18.20 -15.16 -0.83
N ALA B 198 17.64 -14.58 -1.89
CA ALA B 198 17.19 -15.33 -3.06
C ALA B 198 18.34 -16.07 -3.73
N CYS B 199 19.47 -15.39 -3.86
CA CYS B 199 20.65 -15.99 -4.47
C CYS B 199 21.16 -17.17 -3.63
N VAL B 200 21.25 -16.97 -2.32
CA VAL B 200 21.55 -18.05 -1.40
C VAL B 200 20.60 -19.22 -1.63
N CYS B 201 19.30 -18.94 -1.67
CA CYS B 201 18.32 -20.01 -1.88
C CYS B 201 18.53 -20.77 -3.18
N ILE B 202 18.76 -20.04 -4.26
CA ILE B 202 18.94 -20.66 -5.56
C ILE B 202 20.27 -21.42 -5.63
N HIS B 203 21.32 -20.81 -5.08
CA HIS B 203 22.63 -21.45 -5.03
C HIS B 203 22.56 -22.81 -4.30
N LEU B 204 22.04 -22.82 -3.06
CA LEU B 204 21.84 -24.07 -2.33
C LEU B 204 20.94 -25.07 -3.05
N ALA B 205 19.84 -24.60 -3.63
CA ALA B 205 18.96 -25.46 -4.41
C ALA B 205 19.70 -26.14 -5.54
N CYS B 206 20.56 -25.39 -6.23
CA CYS B 206 21.38 -25.97 -7.31
C CYS B 206 22.36 -27.01 -6.80
N LYS B 207 23.13 -26.67 -5.77
CA LYS B 207 24.05 -27.63 -5.17
C LYS B 207 23.31 -28.91 -4.76
N TRP B 208 22.10 -28.78 -4.22
CA TRP B 208 21.34 -29.92 -3.72
C TRP B 208 20.76 -30.81 -4.83
N SER B 209 20.44 -30.22 -5.99
CA SER B 209 19.85 -30.96 -7.11
C SER B 209 20.90 -31.34 -8.12
N ASN B 210 22.16 -31.16 -7.75
CA ASN B 210 23.26 -31.37 -8.67
C ASN B 210 22.99 -30.75 -10.04
N TRP B 211 22.67 -29.46 -10.02
CA TRP B 211 22.38 -28.67 -11.21
C TRP B 211 23.40 -27.53 -11.27
N GLU B 212 24.01 -27.36 -12.44
CA GLU B 212 24.98 -26.29 -12.66
C GLU B 212 24.41 -25.26 -13.63
N ILE B 213 24.31 -24.01 -13.19
CA ILE B 213 23.86 -22.95 -14.06
C ILE B 213 25.07 -22.40 -14.83
N PRO B 214 24.94 -22.32 -16.17
CA PRO B 214 26.04 -21.99 -17.09
C PRO B 214 26.31 -20.49 -17.15
N VAL B 215 27.59 -20.13 -17.19
CA VAL B 215 28.03 -18.74 -17.23
C VAL B 215 27.48 -18.04 -18.48
N SER B 216 26.57 -17.08 -18.28
CA SER B 216 25.95 -16.37 -19.39
C SER B 216 26.97 -15.95 -20.44
N THR B 217 26.50 -15.78 -21.67
CA THR B 217 27.37 -15.48 -22.82
C THR B 217 28.41 -14.38 -22.57
N ASP B 218 28.04 -13.34 -21.83
CA ASP B 218 28.92 -12.20 -21.54
C ASP B 218 30.14 -12.60 -20.72
N GLY B 219 29.94 -13.54 -19.80
CA GLY B 219 30.99 -13.97 -18.89
C GLY B 219 30.58 -13.82 -17.44
N LYS B 220 29.44 -13.18 -17.21
CA LYS B 220 28.91 -12.94 -15.86
C LYS B 220 28.26 -14.20 -15.28
N HIS B 221 28.34 -14.37 -13.97
CA HIS B 221 27.67 -15.47 -13.27
C HIS B 221 26.18 -15.17 -13.11
N TRP B 222 25.33 -16.20 -13.04
CA TRP B 222 23.87 -15.99 -12.93
C TRP B 222 23.49 -14.93 -11.90
N TRP B 223 24.18 -14.91 -10.77
CA TRP B 223 23.80 -14.00 -9.68
C TRP B 223 24.02 -12.52 -9.95
N GLU B 224 25.02 -12.19 -10.74
CA GLU B 224 25.33 -10.78 -11.00
C GLU B 224 24.14 -10.10 -11.69
N TYR B 225 23.23 -10.91 -12.23
CA TYR B 225 21.99 -10.41 -12.79
C TYR B 225 20.88 -10.33 -11.73
N VAL B 226 21.27 -10.35 -10.46
CA VAL B 226 20.28 -10.36 -9.38
C VAL B 226 20.67 -9.37 -8.27
N ASP B 227 21.97 -9.22 -8.06
CA ASP B 227 22.49 -8.27 -7.08
C ASP B 227 23.99 -8.01 -7.27
N ALA B 228 24.36 -6.74 -7.43
CA ALA B 228 25.75 -6.37 -7.70
C ALA B 228 26.71 -6.66 -6.54
N THR B 229 26.18 -6.80 -5.34
CA THR B 229 27.00 -6.98 -4.14
C THR B 229 27.40 -8.44 -3.90
N VAL B 230 26.64 -9.35 -4.50
CA VAL B 230 26.76 -10.78 -4.22
C VAL B 230 28.04 -11.40 -4.75
N THR B 231 28.84 -11.96 -3.85
CA THR B 231 30.04 -12.69 -4.23
C THR B 231 29.80 -14.18 -3.99
N LEU B 232 30.54 -15.02 -4.69
CA LEU B 232 30.45 -16.46 -4.51
C LEU B 232 31.00 -16.89 -3.15
N GLU B 233 31.82 -16.04 -2.55
CA GLU B 233 32.38 -16.35 -1.23
C GLU B 233 31.29 -16.25 -0.17
N LEU B 234 30.43 -15.24 -0.32
CA LEU B 234 29.28 -15.04 0.56
C LEU B 234 28.16 -16.05 0.28
N LEU B 235 27.99 -16.41 -0.98
CA LEU B 235 27.04 -17.44 -1.34
C LEU B 235 27.42 -18.77 -0.73
N ASP B 236 28.71 -19.07 -0.67
CA ASP B 236 29.09 -20.37 -0.15
C ASP B 236 28.98 -20.36 1.37
N GLU B 237 29.31 -19.23 1.97
CA GLU B 237 29.24 -19.09 3.42
C GLU B 237 27.79 -19.22 3.88
N LEU B 238 26.89 -18.58 3.16
CA LEU B 238 25.49 -18.54 3.54
C LEU B 238 24.74 -19.85 3.30
N THR B 239 24.96 -20.50 2.16
CA THR B 239 24.32 -21.79 1.91
C THR B 239 24.74 -22.82 2.96
N HIS B 240 25.99 -22.74 3.39
CA HIS B 240 26.48 -23.65 4.42
C HIS B 240 25.70 -23.48 5.73
N GLU B 241 25.59 -22.24 6.20
CA GLU B 241 24.71 -21.93 7.33
C GLU B 241 23.27 -22.46 7.19
N LEU B 242 22.62 -22.14 6.08
CA LEU B 242 21.24 -22.59 5.83
C LEU B 242 21.18 -24.11 5.77
N LEU B 243 22.05 -24.73 4.98
CA LEU B 243 22.12 -26.18 4.92
C LEU B 243 22.25 -26.87 6.30
N GLN B 244 23.05 -26.27 7.18
CA GLN B 244 23.33 -26.87 8.48
C GLN B 244 22.10 -26.92 9.34
N ILE B 245 21.34 -25.84 9.34
CA ILE B 245 20.14 -25.76 10.17
C ILE B 245 19.05 -26.61 9.54
N LEU B 246 19.09 -26.74 8.22
CA LEU B 246 18.19 -27.67 7.55
C LEU B 246 18.38 -29.09 8.04
N GLU B 247 19.65 -29.51 8.18
CA GLU B 247 20.00 -30.86 8.63
C GLU B 247 19.64 -31.14 10.08
N LYS B 248 19.59 -30.09 10.90
CA LYS B 248 19.19 -30.20 12.29
C LYS B 248 17.67 -30.28 12.41
N THR B 249 16.95 -29.82 11.39
CA THR B 249 15.47 -29.80 11.40
C THR B 249 14.85 -31.10 10.88
N PRO B 250 14.26 -31.89 11.78
CA PRO B 250 13.65 -33.20 11.47
C PRO B 250 12.64 -33.16 10.34
N ASN B 251 12.77 -34.09 9.42
CA ASN B 251 11.89 -34.22 8.25
C ASN B 251 11.88 -33.15 7.16
N ARG B 252 12.55 -32.01 7.36
CA ARG B 252 12.51 -30.96 6.32
C ARG B 252 13.14 -31.39 5.02
N LEU B 253 14.43 -31.73 5.07
CA LEU B 253 15.15 -32.08 3.87
C LEU B 253 14.46 -33.21 3.15
N LYS B 254 13.84 -34.11 3.93
CA LYS B 254 13.09 -35.20 3.33
C LYS B 254 12.16 -34.70 2.23
N ARG B 255 11.50 -33.57 2.46
CA ARG B 255 10.56 -33.01 1.49
C ARG B 255 11.16 -32.74 0.13
N ILE B 256 12.43 -32.36 0.07
CA ILE B 256 13.08 -32.10 -1.21
C ILE B 256 14.09 -33.16 -1.62
N TRP B 257 14.09 -34.31 -0.93
CA TRP B 257 15.06 -35.35 -1.19
C TRP B 257 14.67 -36.26 -2.34
N ASN B 258 15.63 -36.60 -3.21
CA ASN B 258 15.37 -37.53 -4.30
C ASN B 258 15.46 -39.02 -3.93
N TRP B 259 14.29 -39.62 -3.79
CA TRP B 259 14.10 -40.96 -3.27
C TRP B 259 14.31 -42.01 -4.34
N ARG B 260 14.47 -41.56 -5.57
CA ARG B 260 14.52 -42.46 -6.71
C ARG B 260 15.84 -43.23 -6.76
MG MG C . -11.59 16.22 1.71
PG ATP D . -13.14 12.87 2.22
O1G ATP D . -14.56 13.28 2.53
O2G ATP D . -12.65 13.37 0.88
O3G ATP D . -12.80 11.42 2.53
PB ATP D . -12.79 13.85 4.82
O1B ATP D . -13.64 15.11 4.94
O2B ATP D . -13.36 12.50 5.21
O3B ATP D . -12.27 13.68 3.30
PA ATP D . -9.98 14.45 5.07
O1A ATP D . -8.95 13.52 5.68
O2A ATP D . -10.02 14.55 3.56
O3A ATP D . -11.40 13.97 5.65
O5' ATP D . -9.72 15.93 5.67
C5' ATP D . -10.77 16.88 5.79
C4' ATP D . -10.20 18.30 5.89
O4' ATP D . -8.85 18.27 6.36
C3' ATP D . -10.22 19.05 4.56
O3' ATP D . -11.09 20.20 4.63
C2' ATP D . -8.78 19.46 4.31
O2' ATP D . -8.67 20.83 3.88
C1' ATP D . -8.06 19.21 5.63
N9 ATP D . -6.71 18.65 5.39
C8 ATP D . -6.43 17.35 5.25
N7 ATP D . -5.10 17.14 5.03
C5 ATP D . -4.51 18.34 5.05
C6 ATP D . -3.12 18.82 4.89
N6 ATP D . -2.10 17.96 4.65
N1 ATP D . -2.92 20.16 4.97
C2 ATP D . -3.93 21.02 5.19
N3 ATP D . -5.21 20.64 5.35
C4 ATP D . -5.56 19.34 5.29
C TRS E . 6.44 -25.25 4.44
C1 TRS E . 7.55 -26.22 4.00
C2 TRS E . 6.82 -24.56 5.76
C3 TRS E . 5.05 -25.88 4.50
N TRS E . 6.29 -24.21 3.42
O1 TRS E . 7.28 -26.89 2.78
O2 TRS E . 7.41 -25.44 6.70
O3 TRS E . 4.58 -26.15 3.18
#